data_1TBW
#
_entry.id   1TBW
#
_cell.length_a   160.202
_cell.length_b   160.202
_cell.length_c   109.564
_cell.angle_alpha   90.00
_cell.angle_beta   90.00
_cell.angle_gamma   120.00
#
_symmetry.space_group_name_H-M   'H 3 2'
#
loop_
_entity.id
_entity.type
_entity.pdbx_description
1 polymer Endoplasmin
2 non-polymer 'MAGNESIUM ION'
3 non-polymer 'ADENOSINE MONOPHOSPHATE'
4 non-polymer 'TETRAETHYLENE GLYCOL'
5 water water
#
_entity_poly.entity_id   1
_entity_poly.type   'polypeptide(L)'
_entity_poly.pdbx_seq_one_letter_code
;GSHMLREKSEKFAFQAEVNRMMKLIINSLYKNKEIFLRELISNASDALDKIRLISLTDENALAGNEELTVKIKCDKEKNL
LHVTDTGVGMTREELVKNLGTIAKSGTSEFLNKMTEAQEDGQSTSELIGQFGVGFYSAFLVADKVIVTSKHNNDTQHIWE
SDSNEFSVIADPRGNTLGRGTTITLVLKEEASDYLELDTIKNLVKKYSQFINFPIYVWSSKTGGGGKTVWDWELMN
;
_entity_poly.pdbx_strand_id   A,B
#
loop_
_chem_comp.id
_chem_comp.type
_chem_comp.name
_chem_comp.formula
AMP non-polymer 'ADENOSINE MONOPHOSPHATE' 'C10 H14 N5 O7 P'
MG non-polymer 'MAGNESIUM ION' 'Mg 2'
PG4 non-polymer 'TETRAETHYLENE GLYCOL' 'C8 H18 O5'
#
# COMPACT_ATOMS: atom_id res chain seq x y z
N PHE A 12 -15.20 -18.10 -1.64
CA PHE A 12 -15.06 -18.68 -0.28
C PHE A 12 -15.56 -17.69 0.78
N ALA A 13 -16.77 -17.18 0.58
CA ALA A 13 -17.37 -16.22 1.50
C ALA A 13 -17.97 -16.86 2.74
N PHE A 14 -18.49 -18.08 2.59
CA PHE A 14 -19.11 -18.79 3.71
C PHE A 14 -18.16 -18.94 4.90
N GLN A 15 -17.04 -19.61 4.68
CA GLN A 15 -16.05 -19.82 5.73
C GLN A 15 -15.57 -18.51 6.36
N ALA A 16 -15.63 -17.43 5.59
CA ALA A 16 -15.20 -16.12 6.07
C ALA A 16 -16.10 -15.62 7.21
N GLU A 17 -17.39 -15.92 7.12
CA GLU A 17 -18.33 -15.50 8.16
C GLU A 17 -18.05 -16.26 9.45
N VAL A 18 -17.56 -17.49 9.30
CA VAL A 18 -17.24 -18.34 10.45
C VAL A 18 -15.95 -17.82 11.10
N ASN A 19 -14.97 -17.50 10.26
CA ASN A 19 -13.69 -17.00 10.71
C ASN A 19 -13.84 -15.70 11.50
N ARG A 20 -14.48 -14.72 10.87
CA ARG A 20 -14.71 -13.42 11.50
C ARG A 20 -15.48 -13.53 12.82
N MET A 21 -16.52 -14.36 12.82
CA MET A 21 -17.36 -14.56 13.98
C MET A 21 -16.56 -15.16 15.14
N MET A 22 -15.71 -16.13 14.81
CA MET A 22 -14.86 -16.79 15.79
C MET A 22 -13.96 -15.78 16.49
N LYS A 23 -13.55 -14.76 15.75
CA LYS A 23 -12.68 -13.71 16.29
C LYS A 23 -13.49 -12.77 17.18
N LEU A 24 -14.65 -12.34 16.69
CA LEU A 24 -15.52 -11.44 17.44
C LEU A 24 -15.82 -12.02 18.81
N ILE A 25 -15.90 -13.34 18.88
CA ILE A 25 -16.20 -14.03 20.14
C ILE A 25 -14.98 -14.08 21.05
N ILE A 26 -13.83 -14.45 20.49
CA ILE A 26 -12.61 -14.54 21.27
C ILE A 26 -12.31 -13.18 21.90
N ASN A 27 -12.58 -12.11 21.16
CA ASN A 27 -12.35 -10.76 21.66
C ASN A 27 -13.25 -10.45 22.85
N SER A 28 -14.47 -10.96 22.81
CA SER A 28 -15.43 -10.75 23.90
C SER A 28 -14.88 -11.25 25.23
N LEU A 29 -14.03 -12.28 25.17
CA LEU A 29 -13.43 -12.85 26.36
C LEU A 29 -12.47 -11.84 27.02
N TYR A 30 -12.09 -10.81 26.27
CA TYR A 30 -11.20 -9.78 26.77
C TYR A 30 -11.99 -8.52 27.12
N LYS A 31 -12.34 -8.38 28.40
CA LYS A 31 -13.10 -7.21 28.85
C LYS A 31 -12.16 -6.01 29.00
N ASN A 32 -10.89 -6.28 29.30
CA ASN A 32 -9.89 -5.24 29.47
C ASN A 32 -8.83 -5.36 28.36
N LYS A 33 -9.19 -4.90 27.16
CA LYS A 33 -8.31 -4.97 26.01
C LYS A 33 -7.08 -4.05 26.04
N GLU A 34 -7.04 -3.16 27.02
CA GLU A 34 -5.94 -2.20 27.14
C GLU A 34 -4.55 -2.81 26.94
N ILE A 35 -4.45 -4.13 27.09
CA ILE A 35 -3.18 -4.83 26.93
C ILE A 35 -2.51 -4.57 25.58
N PHE A 36 -3.29 -4.23 24.56
CA PHE A 36 -2.72 -3.98 23.25
C PHE A 36 -1.72 -2.81 23.27
N LEU A 37 -2.03 -1.79 24.06
CA LEU A 37 -1.15 -0.63 24.13
C LEU A 37 0.17 -1.02 24.80
N ARG A 38 0.10 -1.92 25.78
CA ARG A 38 1.31 -2.37 26.46
C ARG A 38 2.23 -3.11 25.48
N GLU A 39 1.65 -3.96 24.64
CA GLU A 39 2.42 -4.74 23.67
C GLU A 39 3.04 -3.88 22.56
N LEU A 40 2.34 -2.85 22.11
CA LEU A 40 2.86 -1.96 21.08
C LEU A 40 4.01 -1.13 21.65
N ILE A 41 3.89 -0.72 22.91
CA ILE A 41 4.92 0.07 23.55
C ILE A 41 6.17 -0.81 23.75
N SER A 42 5.95 -2.06 24.12
CA SER A 42 7.03 -3.01 24.30
C SER A 42 7.82 -3.23 23.00
N ASN A 43 7.12 -3.34 21.87
CA ASN A 43 7.80 -3.52 20.59
C ASN A 43 8.57 -2.27 20.19
N ALA A 44 8.02 -1.11 20.52
CA ALA A 44 8.67 0.16 20.22
C ALA A 44 10.01 0.21 20.99
N SER A 45 9.93 -0.20 22.26
CA SER A 45 11.08 -0.24 23.17
C SER A 45 12.22 -1.15 22.69
N ASP A 46 11.84 -2.31 22.15
CA ASP A 46 12.81 -3.26 21.63
C ASP A 46 13.50 -2.66 20.38
N ALA A 47 12.71 -2.04 19.50
CA ALA A 47 13.27 -1.46 18.28
C ALA A 47 14.21 -0.30 18.63
N LEU A 48 13.88 0.46 19.66
CA LEU A 48 14.75 1.56 20.09
C LEU A 48 16.04 1.02 20.72
N ASP A 49 15.94 -0.03 21.55
CA ASP A 49 17.13 -0.64 22.16
C ASP A 49 18.05 -1.21 21.08
N LYS A 50 17.46 -1.79 20.03
CA LYS A 50 18.29 -2.35 18.95
C LYS A 50 19.11 -1.31 18.21
N ILE A 51 18.48 -0.19 17.79
CA ILE A 51 19.23 0.83 17.08
C ILE A 51 20.20 1.54 18.05
N ARG A 52 19.81 1.67 19.31
CA ARG A 52 20.70 2.28 20.30
C ARG A 52 21.96 1.41 20.40
N LEU A 53 21.79 0.11 20.57
CA LEU A 53 22.94 -0.79 20.65
C LEU A 53 23.83 -0.66 19.41
N ILE A 54 23.21 -0.66 18.23
CA ILE A 54 23.97 -0.51 16.99
C ILE A 54 24.72 0.84 16.96
N SER A 55 24.10 1.89 17.49
CA SER A 55 24.72 3.23 17.49
C SER A 55 25.96 3.30 18.39
N LEU A 56 26.04 2.42 19.38
CA LEU A 56 27.19 2.40 20.28
C LEU A 56 28.41 1.81 19.56
N THR A 57 28.19 1.24 18.38
CA THR A 57 29.26 0.66 17.58
C THR A 57 29.53 1.52 16.37
N ASP A 58 28.46 1.98 15.72
CA ASP A 58 28.56 2.83 14.55
C ASP A 58 27.73 4.10 14.74
N GLU A 59 28.41 5.19 15.08
CA GLU A 59 27.75 6.47 15.32
C GLU A 59 26.85 6.92 14.16
N ASN A 60 27.29 6.67 12.93
CA ASN A 60 26.51 7.06 11.76
C ASN A 60 25.14 6.38 11.66
N ALA A 61 24.97 5.27 12.38
CA ALA A 61 23.72 4.52 12.35
C ALA A 61 22.46 5.35 12.61
N LEU A 62 22.61 6.51 13.27
CA LEU A 62 21.46 7.37 13.57
C LEU A 62 21.24 8.50 12.54
N ALA A 63 21.99 8.46 11.45
CA ALA A 63 21.93 9.48 10.42
C ALA A 63 20.53 9.90 9.91
N GLY A 64 19.62 8.95 9.74
CA GLY A 64 18.30 9.27 9.24
C GLY A 64 17.34 9.94 10.19
N ASN A 65 17.65 9.94 11.47
CA ASN A 65 16.79 10.56 12.49
C ASN A 65 17.51 10.48 13.82
N GLU A 66 17.92 11.63 14.35
CA GLU A 66 18.69 11.68 15.59
C GLU A 66 18.01 11.41 16.91
N GLU A 67 16.68 11.53 16.97
CA GLU A 67 16.02 11.30 18.23
C GLU A 67 15.69 9.84 18.47
N LEU A 68 15.47 9.49 19.74
CA LEU A 68 15.10 8.13 20.12
C LEU A 68 13.88 8.31 21.00
N THR A 69 12.70 8.19 20.39
CA THR A 69 11.45 8.42 21.11
C THR A 69 10.28 7.57 20.62
N VAL A 70 9.20 7.62 21.38
CA VAL A 70 7.94 6.97 21.01
C VAL A 70 6.93 8.14 21.11
N LYS A 71 6.14 8.35 20.06
CA LYS A 71 5.16 9.44 20.01
C LYS A 71 3.78 8.90 19.66
N ILE A 72 2.81 9.09 20.56
CA ILE A 72 1.46 8.59 20.36
C ILE A 72 0.43 9.71 20.14
N LYS A 73 -0.36 9.57 19.07
CA LYS A 73 -1.36 10.57 18.70
C LYS A 73 -2.72 9.96 18.32
N CYS A 74 -3.80 10.65 18.71
CA CYS A 74 -5.18 10.22 18.43
C CYS A 74 -5.77 11.02 17.26
N ASP A 75 -6.53 10.36 16.38
CA ASP A 75 -7.16 11.06 15.27
C ASP A 75 -8.65 10.77 15.26
N LYS A 76 -9.39 11.49 16.09
CA LYS A 76 -10.85 11.34 16.22
C LYS A 76 -11.57 11.25 14.88
N GLU A 77 -11.32 12.22 14.00
CA GLU A 77 -11.97 12.25 12.70
C GLU A 77 -11.87 10.94 11.92
N LYS A 78 -10.65 10.49 11.65
CA LYS A 78 -10.45 9.27 10.89
C LYS A 78 -10.63 8.02 11.74
N ASN A 79 -10.78 8.20 13.04
CA ASN A 79 -10.93 7.06 13.94
C ASN A 79 -9.61 6.26 13.97
N LEU A 80 -8.50 6.97 14.07
CA LEU A 80 -7.17 6.35 14.07
C LEU A 80 -6.34 6.61 15.34
N LEU A 81 -5.51 5.63 15.68
CA LEU A 81 -4.59 5.72 16.81
C LEU A 81 -3.19 5.44 16.24
N HIS A 82 -2.27 6.40 16.38
CA HIS A 82 -0.91 6.25 15.85
C HIS A 82 0.14 6.05 16.95
N VAL A 83 1.01 5.08 16.76
CA VAL A 83 2.11 4.81 17.70
C VAL A 83 3.40 4.79 16.87
N THR A 84 4.17 5.86 16.97
CA THR A 84 5.40 5.97 16.19
C THR A 84 6.68 5.94 17.03
N ASP A 85 7.62 5.09 16.64
CA ASP A 85 8.91 5.01 17.34
C ASP A 85 10.01 5.32 16.31
N THR A 86 11.15 5.83 16.78
CA THR A 86 12.26 6.10 15.87
C THR A 86 13.32 5.01 16.07
N GLY A 87 12.85 3.78 16.27
CA GLY A 87 13.75 2.66 16.45
C GLY A 87 14.39 2.18 15.16
N VAL A 88 14.84 0.92 15.17
CA VAL A 88 15.53 0.29 14.04
C VAL A 88 14.73 0.20 12.73
N GLY A 89 13.42 0.05 12.83
CA GLY A 89 12.60 -0.04 11.63
C GLY A 89 12.64 -1.44 11.02
N MET A 90 11.89 -1.66 9.95
CA MET A 90 11.85 -2.96 9.28
C MET A 90 11.97 -2.83 7.75
N THR A 91 12.74 -3.72 7.13
CA THR A 91 12.88 -3.70 5.69
C THR A 91 11.60 -4.35 5.11
N ARG A 92 11.46 -4.31 3.79
CA ARG A 92 10.30 -4.91 3.13
C ARG A 92 10.19 -6.39 3.48
N GLU A 93 11.31 -7.11 3.38
CA GLU A 93 11.30 -8.55 3.69
C GLU A 93 10.87 -8.78 5.12
N GLU A 94 11.32 -7.91 6.03
CA GLU A 94 10.95 -8.05 7.44
C GLU A 94 9.44 -7.84 7.63
N LEU A 95 8.88 -6.86 6.93
CA LEU A 95 7.44 -6.61 7.04
C LEU A 95 6.71 -7.87 6.56
N VAL A 96 7.18 -8.41 5.43
CA VAL A 96 6.58 -9.61 4.85
C VAL A 96 6.69 -10.83 5.78
N LYS A 97 7.90 -11.11 6.26
CA LYS A 97 8.12 -12.27 7.13
C LYS A 97 7.71 -12.09 8.60
N ASN A 98 8.13 -11.00 9.24
CA ASN A 98 7.82 -10.77 10.65
C ASN A 98 6.38 -10.40 10.97
N LEU A 99 5.72 -9.66 10.09
CA LEU A 99 4.35 -9.26 10.33
C LEU A 99 3.38 -10.06 9.47
N GLY A 100 3.75 -10.24 8.20
CA GLY A 100 2.92 -10.96 7.27
C GLY A 100 2.38 -12.30 7.76
N THR A 101 3.28 -13.16 8.21
CA THR A 101 2.87 -14.48 8.69
C THR A 101 2.08 -14.39 10.00
N ILE A 102 2.47 -13.47 10.87
CA ILE A 102 1.77 -13.29 12.14
C ILE A 102 0.35 -12.76 11.97
N ALA A 103 0.15 -11.92 10.95
CA ALA A 103 -1.16 -11.33 10.70
C ALA A 103 -2.04 -12.14 9.76
N LYS A 104 -1.57 -13.32 9.38
CA LYS A 104 -2.32 -14.18 8.49
C LYS A 104 -3.24 -15.09 9.30
N SER A 105 -4.39 -14.55 9.71
CA SER A 105 -5.36 -15.32 10.49
C SER A 105 -6.67 -15.47 9.71
N GLY A 106 -6.54 -15.63 8.40
CA GLY A 106 -7.72 -15.80 7.56
C GLY A 106 -8.29 -17.20 7.62
N THR A 107 -9.34 -17.44 6.83
CA THR A 107 -10.00 -18.74 6.79
C THR A 107 -9.01 -19.92 6.73
N SER A 108 -8.18 -19.93 5.69
CA SER A 108 -7.19 -20.99 5.50
C SER A 108 -6.22 -21.10 6.65
N GLU A 109 -5.50 -20.01 6.92
CA GLU A 109 -4.51 -19.98 8.00
C GLU A 109 -5.12 -20.30 9.37
N PHE A 110 -6.28 -19.71 9.65
CA PHE A 110 -6.95 -19.94 10.92
C PHE A 110 -7.31 -21.41 11.17
N LEU A 111 -7.81 -22.08 10.13
CA LEU A 111 -8.19 -23.48 10.23
C LEU A 111 -6.98 -24.40 10.40
N ASN A 112 -5.92 -24.15 9.65
CA ASN A 112 -4.71 -24.96 9.72
C ASN A 112 -4.11 -24.88 11.12
N LYS A 113 -4.06 -23.67 11.67
CA LYS A 113 -3.52 -23.46 13.00
C LYS A 113 -4.46 -24.08 14.04
N MET A 114 -5.73 -24.23 13.65
CA MET A 114 -6.75 -24.80 14.52
C MET A 114 -6.55 -26.30 14.68
N THR A 115 -6.48 -27.01 13.55
CA THR A 115 -6.28 -28.45 13.57
C THR A 115 -4.90 -28.73 14.16
N GLU A 116 -3.97 -27.79 13.93
CA GLU A 116 -2.62 -27.92 14.47
C GLU A 116 -2.70 -27.75 15.98
N ALA A 117 -3.73 -27.03 16.42
CA ALA A 117 -3.95 -26.79 17.84
C ALA A 117 -4.39 -28.11 18.47
N GLN A 118 -5.13 -28.91 17.70
CA GLN A 118 -5.58 -30.21 18.18
C GLN A 118 -4.35 -31.10 18.31
N GLU A 119 -3.52 -31.07 17.27
CA GLU A 119 -2.29 -31.86 17.24
C GLU A 119 -1.42 -31.56 18.45
N ASP A 120 -1.02 -30.30 18.60
CA ASP A 120 -0.18 -29.90 19.72
C ASP A 120 -0.93 -30.12 21.03
N GLY A 121 -2.23 -30.36 20.94
CA GLY A 121 -3.04 -30.59 22.12
C GLY A 121 -3.23 -29.36 22.98
N GLN A 122 -2.85 -28.20 22.44
CA GLN A 122 -2.99 -26.94 23.17
C GLN A 122 -4.41 -26.79 23.72
N SER A 123 -4.52 -26.15 24.88
CA SER A 123 -5.81 -25.94 25.52
C SER A 123 -6.49 -24.69 24.94
N THR A 124 -7.80 -24.55 25.18
CA THR A 124 -8.54 -23.41 24.69
C THR A 124 -7.94 -22.13 25.28
N SER A 125 -7.43 -22.23 26.50
CA SER A 125 -6.82 -21.08 27.17
C SER A 125 -5.63 -20.60 26.35
N GLU A 126 -4.78 -21.55 25.96
CA GLU A 126 -3.60 -21.23 25.18
C GLU A 126 -3.99 -20.61 23.84
N LEU A 127 -5.19 -20.91 23.37
CA LEU A 127 -5.66 -20.33 22.12
C LEU A 127 -6.08 -18.88 22.38
N ILE A 128 -6.94 -18.70 23.37
CA ILE A 128 -7.43 -17.37 23.74
C ILE A 128 -6.26 -16.44 24.06
N GLY A 129 -5.24 -17.00 24.70
CA GLY A 129 -4.08 -16.23 25.09
C GLY A 129 -3.28 -15.60 23.96
N GLN A 130 -3.24 -16.26 22.80
CA GLN A 130 -2.49 -15.73 21.67
C GLN A 130 -3.05 -14.43 21.15
N PHE A 131 -4.32 -14.15 21.47
CA PHE A 131 -4.96 -12.93 21.01
C PHE A 131 -4.64 -11.74 21.91
N GLY A 132 -3.86 -11.98 22.96
CA GLY A 132 -3.53 -10.89 23.86
C GLY A 132 -2.05 -10.58 24.02
N VAL A 133 -1.21 -11.13 23.16
CA VAL A 133 0.22 -10.88 23.26
C VAL A 133 0.87 -10.54 21.92
N GLY A 134 1.84 -9.64 21.95
CA GLY A 134 2.51 -9.28 20.72
C GLY A 134 1.72 -8.39 19.78
N PHE A 135 2.29 -8.23 18.59
CA PHE A 135 1.72 -7.40 17.54
C PHE A 135 0.25 -7.74 17.26
N TYR A 136 -0.08 -9.03 17.22
CA TYR A 136 -1.45 -9.47 16.96
C TYR A 136 -2.47 -8.90 17.96
N SER A 137 -2.06 -8.62 19.19
CA SER A 137 -3.00 -8.07 20.16
C SER A 137 -3.66 -6.76 19.67
N ALA A 138 -3.07 -6.13 18.65
CA ALA A 138 -3.61 -4.88 18.11
C ALA A 138 -5.05 -5.07 17.60
N PHE A 139 -5.35 -6.26 17.11
CA PHE A 139 -6.68 -6.56 16.57
C PHE A 139 -7.77 -6.65 17.64
N LEU A 140 -7.39 -6.67 18.92
CA LEU A 140 -8.41 -6.71 19.95
C LEU A 140 -9.28 -5.47 19.84
N VAL A 141 -8.70 -4.39 19.32
CA VAL A 141 -9.43 -3.12 19.21
C VAL A 141 -9.46 -2.51 17.81
N ALA A 142 -8.85 -3.18 16.84
CA ALA A 142 -8.81 -2.61 15.49
C ALA A 142 -9.26 -3.51 14.36
N ASP A 143 -9.99 -2.91 13.41
CA ASP A 143 -10.49 -3.63 12.22
C ASP A 143 -9.36 -3.73 11.20
N LYS A 144 -8.52 -2.69 11.14
CA LYS A 144 -7.41 -2.67 10.21
C LYS A 144 -6.16 -2.06 10.85
N VAL A 145 -5.00 -2.60 10.48
CA VAL A 145 -3.74 -2.12 11.01
C VAL A 145 -2.84 -1.80 9.84
N ILE A 146 -2.29 -0.59 9.84
CA ILE A 146 -1.40 -0.11 8.79
C ILE A 146 -0.02 0.16 9.41
N VAL A 147 1.02 -0.40 8.80
CA VAL A 147 2.38 -0.22 9.31
C VAL A 147 3.28 0.48 8.30
N THR A 148 3.82 1.63 8.70
CA THR A 148 4.74 2.38 7.84
C THR A 148 6.12 2.24 8.49
N SER A 149 7.09 1.70 7.76
CA SER A 149 8.42 1.53 8.35
C SER A 149 9.59 1.91 7.45
N LYS A 150 10.68 2.36 8.08
CA LYS A 150 11.90 2.78 7.39
C LYS A 150 13.11 2.26 8.14
N HIS A 151 13.84 1.36 7.50
CA HIS A 151 15.03 0.75 8.07
C HIS A 151 16.24 1.28 7.28
N ASN A 152 17.35 1.51 7.96
CA ASN A 152 18.56 2.02 7.31
C ASN A 152 18.94 1.28 6.02
N ASN A 153 18.57 0.01 5.87
CA ASN A 153 18.96 -0.72 4.67
C ASN A 153 17.90 -0.84 3.58
N ASP A 154 16.91 0.04 3.59
CA ASP A 154 15.86 -0.07 2.59
C ASP A 154 15.09 1.24 2.49
N THR A 155 14.16 1.30 1.54
CA THR A 155 13.35 2.51 1.36
C THR A 155 12.13 2.36 2.25
N GLN A 156 11.38 3.45 2.45
CA GLN A 156 10.19 3.39 3.29
C GLN A 156 9.10 2.55 2.64
N HIS A 157 8.39 1.76 3.44
CA HIS A 157 7.31 0.90 2.93
C HIS A 157 6.07 0.97 3.79
N ILE A 158 4.95 0.56 3.21
CA ILE A 158 3.66 0.50 3.88
C ILE A 158 3.13 -0.93 3.81
N TRP A 159 2.67 -1.43 4.95
CA TRP A 159 2.13 -2.77 5.08
C TRP A 159 0.72 -2.57 5.65
N GLU A 160 -0.24 -3.40 5.21
CA GLU A 160 -1.61 -3.29 5.70
C GLU A 160 -2.29 -4.65 5.85
N SER A 161 -3.11 -4.79 6.89
CA SER A 161 -3.81 -6.04 7.11
C SER A 161 -5.03 -5.89 7.98
N ASP A 162 -5.98 -6.80 7.76
CA ASP A 162 -7.23 -6.83 8.51
C ASP A 162 -7.26 -8.15 9.27
N SER A 163 -6.07 -8.73 9.47
CA SER A 163 -5.89 -10.00 10.17
C SER A 163 -6.27 -11.20 9.31
N ASN A 164 -6.58 -10.93 8.04
CA ASN A 164 -6.94 -11.98 7.09
C ASN A 164 -5.92 -12.00 5.98
N GLU A 165 -5.81 -10.89 5.27
CA GLU A 165 -4.84 -10.75 4.19
C GLU A 165 -3.89 -9.63 4.56
N PHE A 166 -2.86 -9.42 3.74
CA PHE A 166 -1.92 -8.34 3.99
C PHE A 166 -1.28 -7.96 2.67
N SER A 167 -0.87 -6.71 2.57
CA SER A 167 -0.22 -6.21 1.37
C SER A 167 0.85 -5.22 1.81
N VAL A 168 1.92 -5.15 1.01
CA VAL A 168 3.02 -4.24 1.27
C VAL A 168 3.50 -3.62 -0.04
N ILE A 169 3.72 -2.31 -0.01
CA ILE A 169 4.20 -1.57 -1.17
C ILE A 169 5.09 -0.42 -0.75
N ALA A 170 5.97 0.02 -1.65
CA ALA A 170 6.87 1.12 -1.36
C ALA A 170 6.03 2.37 -1.13
N ASP A 171 6.33 3.10 -0.05
CA ASP A 171 5.59 4.32 0.28
C ASP A 171 5.86 5.38 -0.81
N PRO A 172 4.82 5.81 -1.54
CA PRO A 172 4.97 6.81 -2.59
C PRO A 172 5.38 8.19 -2.08
N ARG A 173 5.21 8.43 -0.78
CA ARG A 173 5.58 9.71 -0.18
C ARG A 173 7.08 9.78 0.05
N GLY A 174 7.77 8.67 -0.17
CA GLY A 174 9.21 8.63 0.04
C GLY A 174 9.56 8.42 1.50
N ASN A 175 10.79 8.78 1.87
CA ASN A 175 11.24 8.64 3.24
C ASN A 175 10.75 9.80 4.10
N THR A 176 9.66 9.62 4.81
CA THR A 176 9.13 10.67 5.66
C THR A 176 9.44 10.43 7.13
N LEU A 177 9.73 9.18 7.48
CA LEU A 177 10.06 8.84 8.87
C LEU A 177 11.54 9.04 9.22
N GLY A 178 12.41 9.03 8.22
CA GLY A 178 13.84 9.15 8.50
C GLY A 178 14.35 7.77 8.93
N ARG A 179 13.74 7.23 9.99
CA ARG A 179 14.06 5.89 10.48
C ARG A 179 13.02 5.56 11.53
N GLY A 180 12.52 4.34 11.53
CA GLY A 180 11.54 3.99 12.53
C GLY A 180 10.27 3.37 11.98
N THR A 181 9.27 3.30 12.83
CA THR A 181 8.01 2.67 12.47
C THR A 181 6.83 3.39 13.11
N THR A 182 5.73 3.43 12.37
CA THR A 182 4.47 4.00 12.86
C THR A 182 3.46 2.86 12.76
N ILE A 183 2.76 2.58 13.86
CA ILE A 183 1.72 1.56 13.81
C ILE A 183 0.43 2.39 13.78
N THR A 184 -0.36 2.25 12.73
CA THR A 184 -1.62 2.99 12.65
C THR A 184 -2.79 2.01 12.84
N LEU A 185 -3.62 2.27 13.84
CA LEU A 185 -4.77 1.42 14.12
C LEU A 185 -6.11 2.03 13.70
N VAL A 186 -6.86 1.32 12.86
CA VAL A 186 -8.19 1.76 12.41
C VAL A 186 -9.10 1.08 13.43
N LEU A 187 -9.51 1.83 14.45
CA LEU A 187 -10.32 1.28 15.52
C LEU A 187 -11.76 0.87 15.20
N LYS A 188 -12.26 -0.07 16.00
CA LYS A 188 -13.62 -0.56 15.89
C LYS A 188 -14.48 0.43 16.65
N GLU A 189 -15.77 0.45 16.33
CA GLU A 189 -16.70 1.37 16.98
C GLU A 189 -16.68 1.20 18.50
N GLU A 190 -16.69 -0.04 18.95
CA GLU A 190 -16.67 -0.35 20.37
C GLU A 190 -15.37 0.02 21.07
N ALA A 191 -14.34 0.37 20.30
CA ALA A 191 -13.05 0.73 20.89
C ALA A 191 -12.84 2.23 20.87
N SER A 192 -13.91 2.96 20.56
CA SER A 192 -13.86 4.41 20.49
C SER A 192 -13.24 5.04 21.74
N ASP A 193 -13.28 4.32 22.84
CA ASP A 193 -12.71 4.82 24.08
C ASP A 193 -11.23 5.18 23.88
N TYR A 194 -10.52 4.32 23.15
CA TYR A 194 -9.10 4.55 22.91
C TYR A 194 -8.82 5.72 21.98
N LEU A 195 -9.75 6.68 21.98
CA LEU A 195 -9.60 7.88 21.18
C LEU A 195 -9.68 9.08 22.13
N GLU A 196 -10.01 8.81 23.38
CA GLU A 196 -10.12 9.85 24.40
C GLU A 196 -8.74 10.21 24.95
N LEU A 197 -8.35 11.46 24.76
CA LEU A 197 -7.06 11.96 25.20
C LEU A 197 -6.65 11.52 26.61
N ASP A 198 -7.57 11.63 27.56
CA ASP A 198 -7.25 11.25 28.93
C ASP A 198 -7.12 9.75 29.17
N THR A 199 -7.85 8.94 28.40
CA THR A 199 -7.73 7.49 28.56
C THR A 199 -6.33 7.09 28.07
N ILE A 200 -5.96 7.58 26.90
CA ILE A 200 -4.65 7.27 26.33
C ILE A 200 -3.51 7.68 27.25
N LYS A 201 -3.56 8.91 27.74
CA LYS A 201 -2.51 9.41 28.63
C LYS A 201 -2.39 8.52 29.87
N ASN A 202 -3.53 8.08 30.40
CA ASN A 202 -3.53 7.22 31.58
C ASN A 202 -2.86 5.89 31.31
N LEU A 203 -3.24 5.24 30.21
CA LEU A 203 -2.68 3.94 29.87
C LEU A 203 -1.20 4.01 29.44
N VAL A 204 -0.82 5.06 28.74
CA VAL A 204 0.58 5.18 28.32
C VAL A 204 1.42 5.36 29.57
N LYS A 205 0.98 6.23 30.46
CA LYS A 205 1.69 6.48 31.70
C LYS A 205 1.83 5.18 32.50
N LYS A 206 0.81 4.32 32.39
CA LYS A 206 0.81 3.04 33.09
C LYS A 206 1.81 2.03 32.56
N TYR A 207 2.00 2.00 31.25
CA TYR A 207 2.91 1.02 30.66
C TYR A 207 4.26 1.56 30.20
N SER A 208 4.56 2.81 30.53
CA SER A 208 5.83 3.37 30.08
C SER A 208 6.90 3.49 31.16
N GLN A 209 6.60 3.00 32.34
CA GLN A 209 7.48 3.05 33.52
C GLN A 209 8.87 2.41 33.42
N PHE A 210 9.02 1.37 32.61
CA PHE A 210 10.31 0.71 32.52
C PHE A 210 10.96 0.75 31.13
N ILE A 211 10.57 1.74 30.34
CA ILE A 211 11.15 1.91 29.01
C ILE A 211 12.23 2.96 29.22
N ASN A 212 13.41 2.76 28.66
CA ASN A 212 14.49 3.72 28.85
C ASN A 212 14.50 4.88 27.86
N PHE A 213 13.34 5.17 27.27
CA PHE A 213 13.21 6.23 26.29
C PHE A 213 11.97 7.09 26.57
N PRO A 214 12.01 8.37 26.20
CA PRO A 214 10.89 9.29 26.42
C PRO A 214 9.70 8.92 25.54
N ILE A 215 8.52 8.81 26.14
CA ILE A 215 7.34 8.50 25.35
C ILE A 215 6.38 9.67 25.51
N TYR A 216 5.90 10.20 24.38
CA TYR A 216 4.99 11.34 24.40
C TYR A 216 3.61 11.05 23.81
N VAL A 217 2.63 11.83 24.27
CA VAL A 217 1.27 11.76 23.76
C VAL A 217 0.91 13.18 23.31
N TRP A 218 0.39 13.29 22.08
CA TRP A 218 0.00 14.56 21.51
C TRP A 218 -1.21 15.04 22.32
N SER A 219 -1.06 16.18 23.00
CA SER A 219 -2.13 16.69 23.85
C SER A 219 -2.25 18.21 23.86
N SER A 220 -3.36 18.69 24.40
CA SER A 220 -3.65 20.13 24.47
C SER A 220 -3.04 20.81 25.69
N LYS A 221 -2.69 22.08 25.54
CA LYS A 221 -2.13 22.88 26.61
C LYS A 221 -2.75 24.28 26.54
N THR A 222 -3.43 24.66 27.62
CA THR A 222 -4.11 25.96 27.73
C THR A 222 -5.46 25.95 27.00
N GLY A 226 -3.23 32.91 24.99
CA GLY A 226 -3.93 32.75 23.72
C GLY A 226 -4.85 31.55 23.71
N LYS A 227 -5.23 31.10 22.52
CA LYS A 227 -6.12 29.96 22.35
C LYS A 227 -5.45 28.68 22.83
N THR A 228 -6.06 27.53 22.55
CA THR A 228 -5.51 26.24 22.95
C THR A 228 -4.47 25.77 21.94
N VAL A 229 -3.38 25.21 22.44
CA VAL A 229 -2.32 24.70 21.58
C VAL A 229 -2.12 23.21 21.85
N TRP A 230 -1.69 22.49 20.82
CA TRP A 230 -1.43 21.06 20.96
C TRP A 230 0.04 20.76 20.77
N ASP A 231 0.57 19.88 21.60
CA ASP A 231 1.98 19.53 21.50
C ASP A 231 2.30 18.27 22.29
N TRP A 232 3.52 17.78 22.13
CA TRP A 232 3.97 16.55 22.80
C TRP A 232 4.11 16.70 24.32
N GLU A 233 3.39 15.85 25.05
CA GLU A 233 3.45 15.86 26.51
C GLU A 233 4.19 14.61 27.00
N LEU A 234 5.30 14.79 27.73
CA LEU A 234 6.09 13.67 28.25
C LEU A 234 5.31 12.83 29.26
N MET A 235 5.21 11.53 29.02
CA MET A 235 4.47 10.64 29.90
C MET A 235 5.27 9.79 30.90
N ASN A 236 6.59 9.78 30.79
CA ASN A 236 7.39 8.98 31.73
C ASN A 236 8.67 9.73 32.11
N GLN B 15 -2.11 -29.46 -15.64
CA GLN B 15 -2.43 -28.06 -16.01
C GLN B 15 -1.17 -27.20 -16.06
N ALA B 16 -0.43 -27.18 -14.96
CA ALA B 16 0.79 -26.39 -14.88
C ALA B 16 1.76 -26.84 -15.97
N GLU B 17 1.54 -28.04 -16.50
CA GLU B 17 2.40 -28.58 -17.55
C GLU B 17 2.07 -27.94 -18.90
N VAL B 18 0.80 -27.98 -19.28
CA VAL B 18 0.37 -27.42 -20.56
C VAL B 18 0.54 -25.90 -20.58
N ASN B 19 0.25 -25.25 -19.45
CA ASN B 19 0.38 -23.81 -19.34
C ASN B 19 1.79 -23.36 -19.67
N ARG B 20 2.78 -24.06 -19.11
CA ARG B 20 4.18 -23.74 -19.34
C ARG B 20 4.61 -24.02 -20.77
N MET B 21 4.17 -25.16 -21.30
CA MET B 21 4.51 -25.53 -22.68
C MET B 21 4.05 -24.43 -23.62
N MET B 22 2.77 -24.10 -23.56
CA MET B 22 2.20 -23.06 -24.42
C MET B 22 2.95 -21.75 -24.28
N LYS B 23 3.35 -21.40 -23.06
CA LYS B 23 4.06 -20.15 -22.80
C LYS B 23 5.41 -20.12 -23.52
N LEU B 24 6.16 -21.22 -23.45
CA LEU B 24 7.45 -21.29 -24.11
C LEU B 24 7.23 -21.15 -25.61
N ILE B 25 6.21 -21.84 -26.10
CA ILE B 25 5.85 -21.81 -27.51
C ILE B 25 5.46 -20.41 -27.98
N ILE B 26 4.43 -19.85 -27.34
CA ILE B 26 3.95 -18.51 -27.69
C ILE B 26 5.07 -17.50 -27.83
N ASN B 27 6.03 -17.53 -26.92
CA ASN B 27 7.15 -16.59 -26.95
C ASN B 27 8.20 -16.96 -27.99
N SER B 28 8.12 -18.16 -28.54
CA SER B 28 9.08 -18.59 -29.55
C SER B 28 8.87 -17.80 -30.85
N LEU B 29 7.61 -17.49 -31.15
CA LEU B 29 7.28 -16.73 -32.34
C LEU B 29 7.63 -15.26 -32.15
N TYR B 30 7.99 -14.59 -33.24
CA TYR B 30 8.35 -13.18 -33.17
C TYR B 30 7.18 -12.23 -32.90
N LYS B 31 7.47 -11.17 -32.15
CA LYS B 31 6.48 -10.16 -31.82
C LYS B 31 7.23 -8.90 -31.41
N ASN B 32 6.79 -7.76 -31.91
CA ASN B 32 7.43 -6.50 -31.55
C ASN B 32 6.88 -6.08 -30.19
N LYS B 33 7.72 -6.14 -29.17
CA LYS B 33 7.33 -5.78 -27.80
C LYS B 33 6.69 -4.38 -27.71
N GLU B 34 6.92 -3.55 -28.71
CA GLU B 34 6.39 -2.19 -28.71
C GLU B 34 4.86 -2.14 -28.55
N ILE B 35 4.17 -3.16 -29.05
CA ILE B 35 2.72 -3.18 -28.95
C ILE B 35 2.17 -3.11 -27.54
N PHE B 36 3.06 -3.03 -26.55
CA PHE B 36 2.60 -2.94 -25.16
C PHE B 36 1.88 -1.60 -24.99
N LEU B 37 2.42 -0.57 -25.64
CA LEU B 37 1.83 0.76 -25.54
C LEU B 37 0.46 0.71 -26.21
N ARG B 38 0.40 0.09 -27.37
CA ARG B 38 -0.85 -0.04 -28.10
C ARG B 38 -1.93 -0.53 -27.14
N GLU B 39 -1.61 -1.60 -26.41
CA GLU B 39 -2.54 -2.19 -25.46
C GLU B 39 -2.95 -1.28 -24.30
N LEU B 40 -2.02 -0.46 -23.82
CA LEU B 40 -2.34 0.45 -22.73
C LEU B 40 -3.22 1.58 -23.25
N ILE B 41 -2.82 2.18 -24.36
CA ILE B 41 -3.58 3.26 -24.98
C ILE B 41 -4.99 2.78 -25.27
N SER B 42 -5.08 1.54 -25.73
CA SER B 42 -6.36 0.93 -26.01
C SER B 42 -7.19 0.96 -24.72
N ASN B 43 -6.58 0.51 -23.63
CA ASN B 43 -7.28 0.49 -22.35
C ASN B 43 -7.65 1.87 -21.82
N ALA B 44 -6.80 2.86 -22.08
CA ALA B 44 -7.08 4.22 -21.66
C ALA B 44 -8.30 4.71 -22.44
N SER B 45 -8.28 4.49 -23.76
CA SER B 45 -9.37 4.92 -24.62
C SER B 45 -10.71 4.37 -24.14
N ASP B 46 -10.74 3.10 -23.75
CA ASP B 46 -11.96 2.49 -23.27
C ASP B 46 -12.44 3.12 -21.97
N ALA B 47 -11.49 3.38 -21.06
CA ALA B 47 -11.81 3.98 -19.77
C ALA B 47 -12.43 5.35 -19.99
N LEU B 48 -11.89 6.08 -20.95
CA LEU B 48 -12.39 7.41 -21.27
C LEU B 48 -13.78 7.34 -21.91
N ASP B 49 -14.06 6.27 -22.63
CA ASP B 49 -15.36 6.11 -23.27
C ASP B 49 -16.42 5.88 -22.21
N LYS B 50 -16.09 5.02 -21.25
CA LYS B 50 -17.00 4.67 -20.18
C LYS B 50 -17.45 5.87 -19.34
N ILE B 51 -16.53 6.79 -19.06
CA ILE B 51 -16.88 7.94 -18.24
C ILE B 51 -17.53 9.04 -19.10
N ARG B 52 -17.10 9.12 -20.35
CA ARG B 52 -17.65 10.12 -21.26
C ARG B 52 -19.14 9.88 -21.43
N LEU B 53 -19.50 8.61 -21.61
CA LEU B 53 -20.89 8.25 -21.79
C LEU B 53 -21.68 8.55 -20.53
N ILE B 54 -21.12 8.16 -19.39
CA ILE B 54 -21.76 8.40 -18.10
C ILE B 54 -22.03 9.89 -17.88
N SER B 55 -21.11 10.74 -18.35
CA SER B 55 -21.28 12.18 -18.17
C SER B 55 -22.50 12.71 -18.92
N LEU B 56 -22.98 11.93 -19.89
CA LEU B 56 -24.16 12.33 -20.67
C LEU B 56 -25.44 12.06 -19.88
N THR B 57 -25.30 11.37 -18.75
CA THR B 57 -26.44 11.03 -17.90
C THR B 57 -26.27 11.55 -16.48
N ASP B 58 -25.02 11.73 -16.05
CA ASP B 58 -24.71 12.25 -14.73
C ASP B 58 -23.99 13.56 -14.96
N GLU B 59 -24.71 14.66 -14.74
CA GLU B 59 -24.18 15.99 -14.96
C GLU B 59 -22.88 16.32 -14.22
N ASN B 60 -22.68 15.73 -13.04
CA ASN B 60 -21.47 16.01 -12.25
C ASN B 60 -20.44 14.89 -12.25
N ALA B 61 -20.61 13.93 -13.15
CA ALA B 61 -19.72 12.78 -13.28
C ALA B 61 -18.22 13.14 -13.40
N LEU B 62 -17.92 14.23 -14.11
CA LEU B 62 -16.52 14.62 -14.31
C LEU B 62 -15.98 15.61 -13.27
N ALA B 63 -16.74 15.83 -12.20
CA ALA B 63 -16.36 16.76 -11.14
C ALA B 63 -14.95 16.56 -10.60
N GLY B 64 -14.52 15.30 -10.48
CA GLY B 64 -13.20 15.01 -9.96
C GLY B 64 -12.06 15.49 -10.86
N ASN B 65 -12.27 15.47 -12.17
CA ASN B 65 -11.25 15.89 -13.13
C ASN B 65 -11.96 16.30 -14.42
N GLU B 66 -11.97 17.59 -14.72
CA GLU B 66 -12.68 18.12 -15.88
C GLU B 66 -12.04 17.98 -17.26
N GLU B 67 -11.39 16.85 -17.52
CA GLU B 67 -10.79 16.61 -18.82
C GLU B 67 -10.85 15.13 -19.14
N LEU B 68 -10.74 14.80 -20.43
CA LEU B 68 -10.78 13.42 -20.88
C LEU B 68 -9.55 13.21 -21.76
N THR B 69 -8.43 12.88 -21.13
CA THR B 69 -7.18 12.71 -21.87
C THR B 69 -6.34 11.49 -21.49
N VAL B 70 -5.23 11.34 -22.21
CA VAL B 70 -4.25 10.29 -21.97
C VAL B 70 -2.93 11.04 -21.99
N LYS B 71 -2.22 11.03 -20.88
CA LYS B 71 -0.93 11.71 -20.79
C LYS B 71 0.19 10.72 -20.48
N ILE B 72 1.25 10.81 -21.28
CA ILE B 72 2.39 9.92 -21.15
C ILE B 72 3.63 10.69 -20.78
N LYS B 73 4.30 10.21 -19.73
CA LYS B 73 5.50 10.84 -19.20
C LYS B 73 6.66 9.85 -19.12
N CYS B 74 7.88 10.33 -19.38
CA CYS B 74 9.09 9.51 -19.33
C CYS B 74 9.94 9.94 -18.13
N ASP B 75 10.49 8.95 -17.43
CA ASP B 75 11.34 9.22 -16.27
C ASP B 75 12.59 8.33 -16.31
N LYS B 76 13.52 8.67 -17.20
CA LYS B 76 14.77 7.93 -17.35
C LYS B 76 15.44 7.72 -16.01
N GLU B 77 15.43 8.76 -15.18
CA GLU B 77 16.06 8.71 -13.86
C GLU B 77 15.70 7.40 -13.18
N LYS B 78 14.42 7.27 -12.80
CA LYS B 78 13.97 6.06 -12.13
C LYS B 78 13.69 4.95 -13.14
N ASN B 79 13.93 5.22 -14.42
CA ASN B 79 13.70 4.21 -15.46
C ASN B 79 12.21 3.83 -15.49
N LEU B 80 11.35 4.83 -15.31
CA LEU B 80 9.92 4.61 -15.29
C LEU B 80 9.20 5.20 -16.50
N LEU B 81 8.06 4.59 -16.85
CA LEU B 81 7.23 5.07 -17.95
C LEU B 81 5.81 5.19 -17.35
N HIS B 82 5.21 6.38 -17.49
CA HIS B 82 3.88 6.64 -16.96
C HIS B 82 2.79 6.87 -18.04
N VAL B 83 1.70 6.14 -17.96
CA VAL B 83 0.59 6.31 -18.91
C VAL B 83 -0.66 6.64 -18.09
N THR B 84 -0.99 7.92 -18.02
CA THR B 84 -2.14 8.36 -17.22
C THR B 84 -3.38 8.76 -18.02
N ASP B 85 -4.53 8.21 -17.65
CA ASP B 85 -5.76 8.57 -18.33
C ASP B 85 -6.76 9.17 -17.31
N THR B 86 -7.62 10.07 -17.78
CA THR B 86 -8.63 10.65 -16.91
C THR B 86 -9.95 9.98 -17.22
N GLY B 87 -9.90 8.65 -17.34
CA GLY B 87 -11.09 7.86 -17.62
C GLY B 87 -11.87 7.54 -16.38
N VAL B 88 -12.68 6.48 -16.44
CA VAL B 88 -13.53 6.07 -15.32
C VAL B 88 -12.82 5.66 -14.02
N GLY B 89 -11.65 5.03 -14.13
CA GLY B 89 -10.92 4.60 -12.94
C GLY B 89 -11.40 3.26 -12.44
N MET B 90 -10.77 2.77 -11.38
CA MET B 90 -11.12 1.48 -10.76
C MET B 90 -11.11 1.60 -9.24
N THR B 91 -12.06 0.93 -8.61
CA THR B 91 -12.19 0.92 -7.15
C THR B 91 -11.22 -0.16 -6.66
N ARG B 92 -11.03 -0.22 -5.34
CA ARG B 92 -10.13 -1.22 -4.77
C ARG B 92 -10.54 -2.61 -5.29
N GLU B 93 -11.84 -2.91 -5.20
CA GLU B 93 -12.36 -4.19 -5.64
C GLU B 93 -12.07 -4.49 -7.11
N GLU B 94 -12.23 -3.50 -7.98
CA GLU B 94 -11.96 -3.71 -9.39
C GLU B 94 -10.48 -3.92 -9.64
N LEU B 95 -9.63 -3.16 -8.94
CA LEU B 95 -8.18 -3.32 -9.12
C LEU B 95 -7.82 -4.77 -8.88
N VAL B 96 -8.39 -5.35 -7.82
CA VAL B 96 -8.11 -6.74 -7.50
C VAL B 96 -8.73 -7.71 -8.50
N LYS B 97 -9.97 -7.43 -8.90
CA LYS B 97 -10.69 -8.30 -9.84
C LYS B 97 -10.30 -8.17 -11.31
N ASN B 98 -10.12 -6.96 -11.80
CA ASN B 98 -9.80 -6.74 -13.21
C ASN B 98 -8.32 -6.89 -13.58
N LEU B 99 -7.43 -6.89 -12.59
CA LEU B 99 -6.00 -7.00 -12.88
C LEU B 99 -5.41 -8.30 -12.34
N SER B 123 -1.53 -16.75 -15.04
CA SER B 123 -2.87 -17.13 -15.45
C SER B 123 -3.02 -17.13 -16.98
N THR B 124 -4.25 -17.28 -17.45
CA THR B 124 -4.50 -17.26 -18.88
C THR B 124 -4.21 -15.84 -19.32
N SER B 125 -4.28 -14.92 -18.35
CA SER B 125 -4.03 -13.51 -18.58
C SER B 125 -2.61 -13.28 -19.09
N GLU B 126 -1.62 -13.77 -18.34
CA GLU B 126 -0.22 -13.62 -18.73
C GLU B 126 0.00 -14.23 -20.11
N LEU B 127 -0.61 -15.39 -20.35
CA LEU B 127 -0.47 -16.07 -21.62
C LEU B 127 -0.96 -15.17 -22.75
N ILE B 128 -2.10 -14.52 -22.52
CA ILE B 128 -2.66 -13.60 -23.52
C ILE B 128 -1.68 -12.46 -23.70
N GLY B 129 -1.10 -12.02 -22.58
CA GLY B 129 -0.13 -10.95 -22.62
C GLY B 129 1.09 -11.37 -23.42
N GLN B 130 1.38 -12.67 -23.41
CA GLN B 130 2.52 -13.19 -24.15
C GLN B 130 2.32 -12.92 -25.64
N PHE B 131 1.08 -13.07 -26.10
CA PHE B 131 0.75 -12.82 -27.51
C PHE B 131 0.91 -11.34 -27.82
N GLY B 132 0.83 -10.50 -26.77
CA GLY B 132 0.98 -9.07 -26.97
C GLY B 132 -0.33 -8.30 -26.84
N VAL B 133 -1.33 -8.91 -26.21
CA VAL B 133 -2.61 -8.26 -26.02
C VAL B 133 -3.06 -8.25 -24.55
N GLY B 134 -3.74 -7.19 -24.16
CA GLY B 134 -4.23 -7.08 -22.79
C GLY B 134 -3.23 -6.41 -21.85
N PHE B 135 -3.72 -6.07 -20.67
CA PHE B 135 -2.92 -5.42 -19.64
C PHE B 135 -1.57 -6.12 -19.42
N TYR B 136 -1.61 -7.44 -19.26
CA TYR B 136 -0.40 -8.21 -19.03
C TYR B 136 0.70 -8.10 -20.08
N SER B 137 0.41 -7.47 -21.21
CA SER B 137 1.44 -7.31 -22.23
C SER B 137 2.49 -6.34 -21.70
N ALA B 138 2.14 -5.63 -20.64
CA ALA B 138 3.05 -4.66 -20.03
C ALA B 138 4.33 -5.36 -19.60
N PHE B 139 4.16 -6.57 -19.06
CA PHE B 139 5.28 -7.36 -18.58
C PHE B 139 6.25 -7.81 -19.67
N LEU B 140 5.96 -7.43 -20.91
CA LEU B 140 6.85 -7.79 -22.00
C LEU B 140 8.06 -6.87 -21.89
N VAL B 141 7.84 -5.70 -21.31
CA VAL B 141 8.91 -4.71 -21.15
C VAL B 141 9.09 -4.22 -19.71
N ALA B 142 8.37 -4.81 -18.77
CA ALA B 142 8.47 -4.36 -17.37
C ALA B 142 8.67 -5.47 -16.35
N ASP B 143 9.53 -5.19 -15.37
CA ASP B 143 9.78 -6.14 -14.30
C ASP B 143 8.69 -5.93 -13.26
N LYS B 144 8.22 -4.70 -13.15
CA LYS B 144 7.16 -4.37 -12.19
C LYS B 144 6.17 -3.39 -12.79
N VAL B 145 4.90 -3.56 -12.42
CA VAL B 145 3.85 -2.68 -12.89
C VAL B 145 3.09 -2.18 -11.67
N ILE B 146 3.02 -0.86 -11.55
CA ILE B 146 2.33 -0.20 -10.46
C ILE B 146 1.15 0.55 -11.06
N VAL B 147 -0.03 0.33 -10.52
CA VAL B 147 -1.23 0.99 -11.01
C VAL B 147 -1.89 1.84 -9.92
N THR B 148 -1.95 3.15 -10.16
CA THR B 148 -2.59 4.08 -9.21
C THR B 148 -3.93 4.45 -9.82
N SER B 149 -5.01 4.26 -9.08
CA SER B 149 -6.34 4.56 -9.65
C SER B 149 -7.33 5.19 -8.68
N LYS B 150 -8.16 6.08 -9.22
CA LYS B 150 -9.19 6.77 -8.44
C LYS B 150 -10.56 6.74 -9.17
N HIS B 151 -11.51 6.04 -8.59
CA HIS B 151 -12.86 5.92 -9.14
C HIS B 151 -13.82 6.77 -8.30
N ASN B 152 -14.84 7.35 -8.92
CA ASN B 152 -15.80 8.19 -8.20
C ASN B 152 -16.43 7.53 -6.99
N ASN B 153 -16.54 6.21 -7.00
CA ASN B 153 -17.17 5.56 -5.87
C ASN B 153 -16.23 4.99 -4.81
N ASP B 154 -14.98 5.44 -4.80
CA ASP B 154 -14.01 4.95 -3.82
C ASP B 154 -12.84 5.91 -3.67
N THR B 155 -11.93 5.61 -2.76
CA THR B 155 -10.75 6.43 -2.53
C THR B 155 -9.62 5.92 -3.43
N GLN B 156 -8.56 6.70 -3.56
CA GLN B 156 -7.44 6.33 -4.41
C GLN B 156 -6.66 5.15 -3.81
N HIS B 157 -6.37 4.16 -4.65
CA HIS B 157 -5.61 2.98 -4.22
C HIS B 157 -4.43 2.72 -5.16
N ILE B 158 -3.47 1.95 -4.67
CA ILE B 158 -2.29 1.61 -5.43
C ILE B 158 -2.17 0.09 -5.50
N TRP B 159 -2.01 -0.40 -6.72
CA TRP B 159 -1.88 -1.83 -7.00
C TRP B 159 -0.48 -2.04 -7.55
N GLU B 160 0.16 -3.12 -7.13
CA GLU B 160 1.51 -3.40 -7.61
C GLU B 160 1.72 -4.90 -7.80
N SER B 161 2.43 -5.26 -8.86
CA SER B 161 2.72 -6.66 -9.13
C SER B 161 3.95 -6.85 -10.00
N ASP B 162 4.52 -8.04 -9.92
CA ASP B 162 5.68 -8.42 -10.71
C ASP B 162 5.25 -9.57 -11.61
N SER B 163 3.94 -9.82 -11.60
CA SER B 163 3.28 -10.87 -12.37
C SER B 163 3.10 -12.15 -11.55
N ASN B 164 3.92 -12.30 -10.51
CA ASN B 164 3.85 -13.48 -9.65
C ASN B 164 2.90 -13.20 -8.48
N GLU B 165 3.20 -12.15 -7.73
CA GLU B 165 2.37 -11.77 -6.58
C GLU B 165 1.91 -10.33 -6.77
N PHE B 166 0.95 -9.90 -5.96
CA PHE B 166 0.46 -8.53 -6.06
C PHE B 166 -0.06 -8.03 -4.72
N SER B 167 0.00 -6.72 -4.55
CA SER B 167 -0.48 -6.11 -3.32
C SER B 167 -1.31 -4.89 -3.71
N VAL B 168 -2.11 -4.41 -2.77
CA VAL B 168 -2.95 -3.24 -2.99
C VAL B 168 -3.22 -2.57 -1.66
N ILE B 169 -3.07 -1.24 -1.62
CA ILE B 169 -3.35 -0.47 -0.42
C ILE B 169 -3.82 0.93 -0.80
N ALA B 170 -4.47 1.61 0.14
CA ALA B 170 -4.96 2.95 -0.10
C ALA B 170 -3.76 3.87 -0.28
N ASP B 171 -3.87 4.78 -1.25
CA ASP B 171 -2.79 5.72 -1.52
C ASP B 171 -2.69 6.68 -0.34
N PRO B 172 -1.55 6.71 0.35
CA PRO B 172 -1.41 7.61 1.48
C PRO B 172 -1.38 9.09 1.07
N ARG B 173 -1.09 9.33 -0.22
CA ARG B 173 -1.04 10.70 -0.73
C ARG B 173 -2.42 11.33 -0.87
N GLY B 174 -3.48 10.53 -0.75
CA GLY B 174 -4.81 11.06 -0.90
C GLY B 174 -5.26 11.03 -2.37
N ASN B 175 -6.42 11.62 -2.66
CA ASN B 175 -6.95 11.64 -4.01
C ASN B 175 -6.20 12.63 -4.89
N THR B 176 -5.06 12.22 -5.44
CA THR B 176 -4.25 13.09 -6.28
C THR B 176 -4.58 13.05 -7.77
N LEU B 177 -5.24 11.99 -8.22
CA LEU B 177 -5.59 11.87 -9.63
C LEU B 177 -6.91 12.57 -10.00
N GLY B 178 -7.76 12.82 -9.00
CA GLY B 178 -9.05 13.44 -9.25
C GLY B 178 -10.02 12.34 -9.69
N ARG B 179 -9.62 11.66 -10.75
CA ARG B 179 -10.37 10.53 -11.31
C ARG B 179 -9.50 10.00 -12.44
N GLY B 180 -9.44 8.69 -12.59
CA GLY B 180 -8.63 8.14 -13.66
C GLY B 180 -7.62 7.11 -13.22
N THR B 181 -6.69 6.78 -14.11
CA THR B 181 -5.70 5.75 -13.82
C THR B 181 -4.33 6.01 -14.42
N THR B 182 -3.29 5.71 -13.64
CA THR B 182 -1.91 5.85 -14.09
C THR B 182 -1.26 4.46 -14.05
N ILE B 183 -0.72 4.05 -15.19
CA ILE B 183 -0.03 2.78 -15.28
C ILE B 183 1.47 3.13 -15.22
N THR B 184 2.13 2.69 -14.15
CA THR B 184 3.56 2.97 -13.98
C THR B 184 4.37 1.71 -14.27
N LEU B 185 5.22 1.79 -15.29
CA LEU B 185 6.05 0.66 -15.68
C LEU B 185 7.50 0.82 -15.26
N VAL B 186 7.99 -0.13 -14.47
CA VAL B 186 9.39 -0.14 -14.06
C VAL B 186 10.03 -0.99 -15.17
N LEU B 187 10.56 -0.31 -16.19
CA LEU B 187 11.15 -0.99 -17.35
C LEU B 187 12.38 -1.87 -17.12
N LYS B 188 12.53 -2.88 -17.97
CA LYS B 188 13.67 -3.80 -17.93
C LYS B 188 14.82 -3.11 -18.65
N GLU B 189 16.03 -3.59 -18.40
CA GLU B 189 17.23 -3.02 -19.04
C GLU B 189 17.09 -2.99 -20.55
N GLU B 190 16.58 -4.08 -21.11
CA GLU B 190 16.40 -4.19 -22.55
C GLU B 190 15.51 -3.10 -23.14
N ALA B 191 14.50 -2.69 -22.38
CA ALA B 191 13.56 -1.67 -22.85
C ALA B 191 13.95 -0.24 -22.47
N SER B 192 15.24 -0.01 -22.22
CA SER B 192 15.72 1.31 -21.85
C SER B 192 15.46 2.37 -22.93
N ASP B 193 15.38 1.93 -24.18
CA ASP B 193 15.15 2.84 -25.30
C ASP B 193 13.75 3.46 -25.30
N TYR B 194 12.81 2.79 -24.66
CA TYR B 194 11.44 3.27 -24.58
C TYR B 194 11.30 4.51 -23.72
N LEU B 195 12.42 5.11 -23.34
CA LEU B 195 12.41 6.30 -22.51
C LEU B 195 12.97 7.51 -23.27
N GLU B 196 13.13 7.34 -24.58
CA GLU B 196 13.65 8.40 -25.44
C GLU B 196 12.45 9.15 -26.00
N LEU B 197 12.41 10.46 -25.79
CA LEU B 197 11.30 11.27 -26.29
C LEU B 197 10.82 10.89 -27.69
N ASP B 198 11.70 11.07 -28.67
CA ASP B 198 11.36 10.75 -30.05
C ASP B 198 10.89 9.31 -30.25
N THR B 199 11.37 8.40 -29.41
CA THR B 199 10.97 7.01 -29.54
C THR B 199 9.52 6.84 -29.10
N ILE B 200 9.21 7.31 -27.90
CA ILE B 200 7.87 7.20 -27.35
C ILE B 200 6.87 8.03 -28.17
N LYS B 201 7.32 9.17 -28.67
CA LYS B 201 6.47 10.04 -29.49
C LYS B 201 6.02 9.33 -30.76
N ASN B 202 6.97 8.75 -31.50
CA ASN B 202 6.64 8.03 -32.72
C ASN B 202 5.78 6.82 -32.41
N LEU B 203 6.09 6.15 -31.30
CA LEU B 203 5.33 4.97 -30.89
C LEU B 203 3.89 5.32 -30.57
N VAL B 204 3.69 6.44 -29.88
CA VAL B 204 2.34 6.88 -29.52
C VAL B 204 1.62 7.40 -30.75
N LYS B 205 2.36 8.14 -31.57
CA LYS B 205 1.83 8.71 -32.80
C LYS B 205 1.34 7.59 -33.73
N LYS B 206 2.01 6.44 -33.64
CA LYS B 206 1.68 5.29 -34.47
C LYS B 206 0.40 4.56 -34.05
N TYR B 207 0.12 4.55 -32.75
CA TYR B 207 -1.07 3.85 -32.24
C TYR B 207 -2.21 4.76 -31.78
N SER B 208 -2.22 6.03 -32.19
CA SER B 208 -3.26 6.95 -31.75
C SER B 208 -4.23 7.45 -32.83
N GLN B 209 -3.97 7.11 -34.08
CA GLN B 209 -4.79 7.57 -35.20
C GLN B 209 -6.31 7.47 -35.02
N PHE B 210 -6.80 6.34 -34.52
CA PHE B 210 -8.24 6.16 -34.36
C PHE B 210 -8.77 6.18 -32.93
N ILE B 211 -8.13 6.96 -32.06
CA ILE B 211 -8.57 7.07 -30.68
C ILE B 211 -9.47 8.31 -30.59
N ASN B 212 -10.64 8.15 -29.98
CA ASN B 212 -11.58 9.27 -29.86
C ASN B 212 -11.17 10.36 -28.85
N PHE B 213 -9.96 10.26 -28.29
CA PHE B 213 -9.50 11.25 -27.32
C PHE B 213 -8.06 11.67 -27.58
N PRO B 214 -7.67 12.87 -27.13
CA PRO B 214 -6.31 13.36 -27.34
C PRO B 214 -5.32 12.61 -26.47
N ILE B 215 -4.11 12.44 -26.98
CA ILE B 215 -3.06 11.76 -26.24
C ILE B 215 -1.82 12.63 -26.30
N TYR B 216 -1.25 12.94 -25.14
CA TYR B 216 -0.08 13.79 -25.08
C TYR B 216 1.16 13.08 -24.51
N VAL B 217 2.31 13.70 -24.73
CA VAL B 217 3.58 13.20 -24.24
C VAL B 217 4.29 14.41 -23.68
N TRP B 218 4.77 14.31 -22.45
CA TRP B 218 5.47 15.40 -21.79
C TRP B 218 6.79 15.64 -22.53
N SER B 219 6.92 16.79 -23.17
CA SER B 219 8.14 17.06 -23.90
C SER B 219 8.66 18.49 -23.77
N SER B 220 9.87 18.69 -24.25
CA SER B 220 10.53 19.99 -24.21
C SER B 220 10.58 20.57 -25.63
N LYS B 221 11.09 21.80 -25.73
CA LYS B 221 11.22 22.51 -27.00
C LYS B 221 11.69 23.93 -26.73
N GLY B 226 10.94 28.78 -26.71
CA GLY B 226 11.53 27.49 -27.04
C GLY B 226 12.86 27.28 -26.34
N LYS B 227 13.11 28.04 -25.28
CA LYS B 227 14.34 27.94 -24.52
C LYS B 227 14.18 26.91 -23.40
N THR B 228 14.52 25.66 -23.70
CA THR B 228 14.42 24.57 -22.74
C THR B 228 13.20 24.70 -21.84
N VAL B 229 12.03 24.51 -22.43
CA VAL B 229 10.77 24.59 -21.70
C VAL B 229 10.06 23.26 -21.87
N TRP B 230 9.29 22.86 -20.87
CA TRP B 230 8.55 21.60 -20.95
C TRP B 230 7.06 21.82 -20.84
N ASP B 231 6.28 20.95 -21.48
CA ASP B 231 4.84 21.01 -21.45
C ASP B 231 4.30 19.78 -22.16
N TRP B 232 2.99 19.71 -22.37
CA TRP B 232 2.40 18.57 -23.04
C TRP B 232 2.34 18.82 -24.54
N GLU B 233 2.70 17.82 -25.33
CA GLU B 233 2.68 17.94 -26.77
C GLU B 233 1.69 16.91 -27.32
N LEU B 234 0.69 17.38 -28.06
CA LEU B 234 -0.31 16.51 -28.64
C LEU B 234 0.33 15.51 -29.61
N MET B 235 -0.34 14.38 -29.84
CA MET B 235 0.19 13.37 -30.74
C MET B 235 -0.80 12.96 -31.83
N ASN B 236 -2.07 12.89 -31.48
CA ASN B 236 -3.10 12.49 -32.44
C ASN B 236 -4.00 13.66 -32.87
MG MG C . 6.61 -8.08 21.25
P AMP D . 5.64 -9.44 18.29
O1P AMP D . 4.49 -10.31 18.00
O2P AMP D . 5.36 -8.53 19.40
O3P AMP D . 6.87 -10.31 18.59
O5' AMP D . 6.11 -8.63 16.96
C5' AMP D . 6.33 -9.35 15.78
C4' AMP D . 7.72 -9.07 15.16
O4' AMP D . 7.65 -7.92 14.28
C3' AMP D . 8.87 -8.79 16.15
O3' AMP D . 9.71 -9.92 16.35
C2' AMP D . 9.61 -7.64 15.57
O2' AMP D . 10.81 -8.07 14.92
C1' AMP D . 8.65 -6.97 14.61
N9 AMP D . 8.11 -5.66 15.15
C8 AMP D . 6.93 -5.42 15.77
N7 AMP D . 6.85 -4.10 16.07
C5 AMP D . 7.98 -3.51 15.65
C6 AMP D . 8.54 -2.19 15.66
N6 AMP D . 7.86 -1.15 16.19
N1 AMP D . 9.79 -1.97 15.10
C2 AMP D . 10.54 -2.97 14.55
N3 AMP D . 10.03 -4.23 14.54
C4 AMP D . 8.78 -4.53 15.07
C5 PG4 E . 4.29 9.47 8.51
C6 PG4 E . 3.71 8.05 8.43
O4 PG4 E . 2.33 8.14 8.08
C7 PG4 E . 1.76 6.82 7.95
C8 PG4 E . 0.28 6.94 7.55
O5 PG4 E . -0.28 5.64 7.41
C5 PG4 F . 5.69 9.68 12.07
C6 PG4 F . 4.55 10.64 11.70
O4 PG4 F . 3.29 9.98 11.87
C7 PG4 F . 2.24 10.88 11.50
C8 PG4 F . 0.87 10.20 11.65
O5 PG4 F . -0.14 11.12 11.28
MG MG G . -7.07 -4.18 -23.78
C5 PG4 H . -0.07 10.67 -9.22
C6 PG4 H . 0.27 9.21 -9.54
O4 PG4 H . 1.48 8.86 -8.85
C7 PG4 H . 1.81 7.49 -9.13
C8 PG4 H . 3.09 7.13 -8.37
O5 PG4 H . 3.43 5.76 -8.63
P AMP I . -7.22 -6.01 -20.48
O1P AMP I . -6.28 -7.16 -20.37
O2P AMP I . -6.88 -5.13 -21.60
O3P AMP I . -8.65 -6.56 -20.64
O5' AMP I . -7.30 -5.16 -19.12
C5' AMP I . -7.68 -5.80 -17.92
C4' AMP I . -8.98 -5.19 -17.35
O4' AMP I . -8.68 -4.23 -16.30
C3' AMP I . -9.88 -4.46 -18.34
O3' AMP I . -10.93 -5.29 -18.87
C2' AMP I . -10.41 -3.26 -17.60
O2' AMP I . -11.70 -3.54 -17.04
C1' AMP I . -9.35 -2.98 -16.55
N9 AMP I . -8.43 -1.84 -17.00
C8 AMP I . -7.25 -1.93 -17.62
N7 AMP I . -6.77 -0.68 -17.82
C5 AMP I . -7.63 0.19 -17.34
C6 AMP I . -7.72 1.60 -17.23
N6 AMP I . -6.77 2.39 -17.72
N1 AMP I . -8.81 2.18 -16.62
C2 AMP I . -9.85 1.43 -16.11
N3 AMP I . -9.77 0.07 -16.21
C4 AMP I . -8.70 -0.57 -16.80
O2 PG4 J . 3.06 17.38 -14.76
C3 PG4 J . 3.67 16.31 -15.49
C4 PG4 J . 5.19 16.51 -15.51
O3 PG4 J . 5.69 16.50 -14.16
C5 PG4 J . 7.11 16.67 -14.18
O2 PG4 K . 1.74 11.68 -12.98
C3 PG4 K . 2.29 10.37 -13.12
C4 PG4 K . 3.39 10.17 -12.08
O3 PG4 K . 4.42 11.15 -12.28
C5 PG4 K . 5.45 10.97 -11.30
#